data_1ELW
#
_entry.id   1ELW
#
_cell.length_a   75.470
_cell.length_b   75.470
_cell.length_c   42.890
_cell.angle_alpha   90.00
_cell.angle_beta   90.00
_cell.angle_gamma   90.00
#
_symmetry.space_group_name_H-M   'P 41'
#
loop_
_entity.id
_entity.type
_entity.pdbx_description
1 polymer 'TPR1-DOMAIN OF HOP'
2 polymer HSC70-PEPTIDE
3 non-polymer 'NICKEL (II) ION'
4 non-polymer 2-AMINO-2-HYDROXYMETHYL-PROPANE-1,3-DIOL
5 water water
#
loop_
_entity_poly.entity_id
_entity_poly.type
_entity_poly.pdbx_seq_one_letter_code
_entity_poly.pdbx_strand_id
1 'polypeptide(L)'
;MEQVNELKEKGNKALSVGNIDDALQCYSEAIKLDPHNHVLYSNRSAAYAKKGDYQKAYEDGCKTVDLKPDWGKGYSRKAA
ALEFLNRFEEAKRTYEEGLKHEANNPQLKEGLQNMEAR
;
A,B
2 'polypeptide(L)' GPTIEEVD C,D
#
# COMPACT_ATOMS: atom_id res chain seq x y z
N GLU A 2 -17.09 16.57 19.17
CA GLU A 2 -16.54 16.66 20.55
C GLU A 2 -16.62 15.31 21.25
N GLN A 3 -17.65 14.54 20.93
CA GLN A 3 -17.82 13.21 21.52
C GLN A 3 -16.67 12.30 21.08
N VAL A 4 -16.24 12.47 19.83
CA VAL A 4 -15.14 11.67 19.31
C VAL A 4 -13.88 12.06 20.05
N ASN A 5 -13.65 13.36 20.21
CA ASN A 5 -12.47 13.84 20.91
C ASN A 5 -12.48 13.33 22.35
N GLU A 6 -13.67 13.34 22.93
CA GLU A 6 -13.89 12.87 24.29
C GLU A 6 -13.40 11.43 24.43
N LEU A 7 -13.89 10.55 23.57
CA LEU A 7 -13.51 9.14 23.60
C LEU A 7 -12.02 8.96 23.32
N LYS A 8 -11.48 9.78 22.40
CA LYS A 8 -10.05 9.69 22.12
C LYS A 8 -9.26 10.03 23.38
N GLU A 9 -9.66 11.10 24.08
CA GLU A 9 -8.97 11.52 25.30
C GLU A 9 -9.10 10.46 26.37
N LYS A 10 -10.26 9.83 26.44
CA LYS A 10 -10.50 8.79 27.43
C LYS A 10 -9.53 7.65 27.12
N GLY A 11 -9.38 7.37 25.83
CA GLY A 11 -8.45 6.33 25.42
C GLY A 11 -7.01 6.68 25.77
N ASN A 12 -6.62 7.93 25.51
CA ASN A 12 -5.27 8.37 25.82
C ASN A 12 -5.01 8.23 27.32
N LYS A 13 -6.00 8.58 28.13
CA LYS A 13 -5.85 8.46 29.59
C LYS A 13 -5.71 7.00 30.03
N ALA A 14 -6.53 6.12 29.46
CA ALA A 14 -6.45 4.71 29.81
C ALA A 14 -5.06 4.19 29.45
N LEU A 15 -4.59 4.59 28.28
CA LEU A 15 -3.27 4.15 27.85
C LEU A 15 -2.21 4.68 28.83
N SER A 16 -2.40 5.91 29.30
CA SER A 16 -1.43 6.52 30.22
C SER A 16 -1.35 5.79 31.56
N VAL A 17 -2.43 5.16 31.99
CA VAL A 17 -2.38 4.43 33.26
C VAL A 17 -2.13 2.94 33.02
N GLY A 18 -1.73 2.59 31.80
CA GLY A 18 -1.42 1.20 31.49
C GLY A 18 -2.58 0.28 31.21
N ASN A 19 -3.77 0.83 31.07
CA ASN A 19 -4.95 0.01 30.78
C ASN A 19 -5.11 -0.01 29.28
N ILE A 20 -4.28 -0.81 28.61
CA ILE A 20 -4.31 -0.86 27.15
C ILE A 20 -5.62 -1.40 26.57
N ASP A 21 -6.19 -2.44 27.17
CA ASP A 21 -7.47 -2.95 26.65
C ASP A 21 -8.57 -1.90 26.74
N ASP A 22 -8.56 -1.08 27.78
CA ASP A 22 -9.55 -0.03 27.91
C ASP A 22 -9.29 1.02 26.83
N ALA A 23 -8.02 1.31 26.56
CA ALA A 23 -7.67 2.28 25.54
C ALA A 23 -8.19 1.79 24.19
N LEU A 24 -7.96 0.51 23.89
CA LEU A 24 -8.41 -0.04 22.60
C LEU A 24 -9.92 0.06 22.45
N GLN A 25 -10.63 -0.18 23.54
CA GLN A 25 -12.07 -0.12 23.52
C GLN A 25 -12.51 1.32 23.23
N CYS A 26 -11.87 2.28 23.89
CA CYS A 26 -12.21 3.68 23.67
C CYS A 26 -11.94 4.09 22.23
N TYR A 27 -10.74 3.76 21.73
CA TYR A 27 -10.43 4.12 20.33
C TYR A 27 -11.37 3.44 19.35
N SER A 28 -11.68 2.17 19.61
CA SER A 28 -12.56 1.43 18.72
C SER A 28 -13.97 2.03 18.71
N GLU A 29 -14.46 2.49 19.86
CA GLU A 29 -15.78 3.11 19.94
C GLU A 29 -15.78 4.42 19.17
N ALA A 30 -14.69 5.18 19.28
CA ALA A 30 -14.59 6.44 18.57
C ALA A 30 -14.54 6.18 17.06
N ILE A 31 -13.84 5.13 16.67
CA ILE A 31 -13.69 4.80 15.27
C ILE A 31 -15.04 4.45 14.66
N LYS A 32 -15.90 3.81 15.44
CA LYS A 32 -17.24 3.44 14.98
C LYS A 32 -18.00 4.72 14.66
N LEU A 33 -17.82 5.73 15.50
CA LEU A 33 -18.50 7.01 15.31
C LEU A 33 -17.89 7.86 14.19
N ASP A 34 -16.58 7.74 14.01
CA ASP A 34 -15.86 8.55 13.04
C ASP A 34 -14.84 7.66 12.35
N PRO A 35 -15.31 6.78 11.44
CA PRO A 35 -14.44 5.85 10.72
C PRO A 35 -13.38 6.41 9.80
N HIS A 36 -13.40 7.72 9.56
CA HIS A 36 -12.42 8.33 8.68
C HIS A 36 -11.42 9.15 9.46
N ASN A 37 -11.43 9.03 10.78
CA ASN A 37 -10.50 9.80 11.60
C ASN A 37 -9.15 9.09 11.73
N HIS A 38 -8.16 9.54 10.96
CA HIS A 38 -6.84 8.94 10.98
C HIS A 38 -6.16 8.95 12.34
N VAL A 39 -6.46 9.97 13.15
CA VAL A 39 -5.82 10.05 14.45
C VAL A 39 -6.21 8.87 15.33
N LEU A 40 -7.47 8.45 15.21
CA LEU A 40 -7.94 7.32 16.01
C LEU A 40 -7.22 6.04 15.63
N TYR A 41 -7.04 5.80 14.33
CA TYR A 41 -6.34 4.57 13.91
C TYR A 41 -4.87 4.64 14.30
N SER A 42 -4.29 5.83 14.23
CA SER A 42 -2.89 5.97 14.59
C SER A 42 -2.73 5.67 16.09
N ASN A 43 -3.63 6.20 16.91
CA ASN A 43 -3.56 5.94 18.36
C ASN A 43 -3.82 4.45 18.65
N ARG A 44 -4.77 3.84 17.94
CA ARG A 44 -5.05 2.44 18.20
C ARG A 44 -3.87 1.60 17.75
N SER A 45 -3.19 2.02 16.68
CA SER A 45 -2.02 1.27 16.22
C SER A 45 -0.99 1.28 17.35
N ALA A 46 -0.82 2.43 17.98
CA ALA A 46 0.12 2.58 19.09
C ALA A 46 -0.25 1.65 20.23
N ALA A 47 -1.53 1.63 20.58
CA ALA A 47 -1.98 0.79 21.68
C ALA A 47 -1.75 -0.70 21.35
N TYR A 48 -2.06 -1.11 20.12
CA TYR A 48 -1.83 -2.50 19.72
C TYR A 48 -0.33 -2.83 19.78
N ALA A 49 0.50 -1.89 19.36
CA ALA A 49 1.95 -2.12 19.40
C ALA A 49 2.41 -2.27 20.85
N LYS A 50 1.85 -1.46 21.75
CA LYS A 50 2.24 -1.58 23.16
C LYS A 50 1.79 -2.91 23.73
N LYS A 51 0.63 -3.38 23.29
CA LYS A 51 0.07 -4.65 23.74
C LYS A 51 0.85 -5.83 23.20
N GLY A 52 1.51 -5.62 22.06
CA GLY A 52 2.26 -6.67 21.43
C GLY A 52 1.50 -7.38 20.34
N ASP A 53 0.43 -6.79 19.81
CA ASP A 53 -0.32 -7.41 18.73
C ASP A 53 0.11 -6.62 17.51
N TYR A 54 1.24 -7.04 16.95
CA TYR A 54 1.80 -6.31 15.84
C TYR A 54 1.03 -6.39 14.53
N GLN A 55 0.29 -7.47 14.32
CA GLN A 55 -0.50 -7.56 13.10
C GLN A 55 -1.59 -6.49 13.13
N LYS A 56 -2.27 -6.36 14.26
CA LYS A 56 -3.29 -5.31 14.34
C LYS A 56 -2.66 -3.91 14.33
N ALA A 57 -1.50 -3.74 14.95
CA ALA A 57 -0.83 -2.44 14.91
C ALA A 57 -0.56 -2.09 13.45
N TYR A 58 -0.14 -3.10 12.69
CA TYR A 58 0.15 -2.90 11.27
C TYR A 58 -1.11 -2.53 10.49
N GLU A 59 -2.19 -3.25 10.72
CA GLU A 59 -3.43 -2.96 10.00
C GLU A 59 -3.89 -1.52 10.24
N ASP A 60 -3.81 -1.07 11.50
CA ASP A 60 -4.21 0.28 11.84
C ASP A 60 -3.25 1.33 11.27
N GLY A 61 -1.96 0.99 11.19
CA GLY A 61 -1.00 1.91 10.60
C GLY A 61 -1.33 2.03 9.11
N CYS A 62 -1.67 0.91 8.47
CA CYS A 62 -2.05 0.96 7.05
C CYS A 62 -3.27 1.82 6.83
N LYS A 63 -4.26 1.69 7.70
CA LYS A 63 -5.48 2.47 7.57
C LYS A 63 -5.17 3.96 7.76
N THR A 64 -4.22 4.26 8.66
CA THR A 64 -3.87 5.67 8.91
C THR A 64 -3.31 6.27 7.62
N VAL A 65 -2.41 5.53 6.96
CA VAL A 65 -1.81 6.00 5.71
C VAL A 65 -2.88 6.13 4.61
N ASP A 66 -3.79 5.14 4.53
CA ASP A 66 -4.86 5.15 3.52
C ASP A 66 -5.73 6.42 3.66
N LEU A 67 -6.05 6.76 4.90
CA LEU A 67 -6.90 7.92 5.17
C LEU A 67 -6.20 9.26 5.01
N LYS A 68 -4.95 9.31 5.42
CA LYS A 68 -4.22 10.57 5.42
C LYS A 68 -2.83 10.35 4.89
N PRO A 69 -2.70 10.14 3.58
CA PRO A 69 -1.37 9.89 3.03
C PRO A 69 -0.34 10.99 3.17
N ASP A 70 -0.75 12.22 3.45
CA ASP A 70 0.25 13.26 3.60
C ASP A 70 0.83 13.29 5.00
N TRP A 71 0.24 12.56 5.93
CA TRP A 71 0.72 12.61 7.31
C TRP A 71 1.86 11.62 7.59
N GLY A 72 3.03 12.16 7.84
CA GLY A 72 4.18 11.29 8.08
C GLY A 72 4.04 10.28 9.19
N LYS A 73 3.38 10.68 10.27
CA LYS A 73 3.30 9.79 11.42
C LYS A 73 2.60 8.48 11.13
N GLY A 74 1.68 8.48 10.17
CA GLY A 74 1.00 7.25 9.83
C GLY A 74 1.98 6.24 9.27
N TYR A 75 2.94 6.72 8.47
CA TYR A 75 3.94 5.82 7.92
C TYR A 75 4.82 5.31 9.07
N SER A 76 5.07 6.14 10.07
CA SER A 76 5.86 5.67 11.21
C SER A 76 5.08 4.56 11.92
N ARG A 77 3.76 4.71 12.05
CA ARG A 77 2.98 3.65 12.70
C ARG A 77 3.10 2.36 11.91
N LYS A 78 2.88 2.47 10.60
CA LYS A 78 2.94 1.31 9.72
C LYS A 78 4.33 0.66 9.75
N ALA A 79 5.35 1.48 9.61
CA ALA A 79 6.73 0.99 9.57
C ALA A 79 7.16 0.40 10.89
N ALA A 80 6.72 0.98 12.01
CA ALA A 80 7.14 0.42 13.29
C ALA A 80 6.56 -0.98 13.44
N ALA A 81 5.31 -1.14 13.00
CA ALA A 81 4.64 -2.44 13.08
C ALA A 81 5.39 -3.43 12.18
N LEU A 82 5.79 -2.99 11.00
CA LEU A 82 6.55 -3.89 10.13
C LEU A 82 7.88 -4.32 10.77
N GLU A 83 8.54 -3.41 11.48
CA GLU A 83 9.80 -3.75 12.15
C GLU A 83 9.54 -4.83 13.20
N PHE A 84 8.50 -4.63 14.00
CA PHE A 84 8.16 -5.62 15.04
C PHE A 84 7.85 -6.96 14.36
N LEU A 85 7.25 -6.89 13.17
CA LEU A 85 6.91 -8.09 12.41
C LEU A 85 8.11 -8.69 11.67
N ASN A 86 9.27 -8.06 11.85
CA ASN A 86 10.51 -8.52 11.21
C ASN A 86 10.41 -8.50 9.69
N ARG A 87 9.71 -7.49 9.20
CA ARG A 87 9.53 -7.25 7.77
C ARG A 87 10.24 -5.94 7.50
N PHE A 88 11.56 -5.98 7.62
CA PHE A 88 12.40 -4.81 7.48
C PHE A 88 12.51 -4.20 6.09
N GLU A 89 12.43 -5.02 5.05
CA GLU A 89 12.50 -4.47 3.71
C GLU A 89 11.27 -3.60 3.47
N GLU A 90 10.13 -4.10 3.92
CA GLU A 90 8.89 -3.35 3.78
C GLU A 90 8.91 -2.12 4.70
N ALA A 91 9.46 -2.28 5.90
CA ALA A 91 9.55 -1.14 6.80
C ALA A 91 10.35 -0.02 6.12
N LYS A 92 11.48 -0.38 5.51
CA LYS A 92 12.32 0.62 4.86
C LYS A 92 11.54 1.33 3.74
N ARG A 93 10.83 0.55 2.93
CA ARG A 93 10.07 1.15 1.82
C ARG A 93 8.95 2.03 2.35
N THR A 94 8.43 1.71 3.53
CA THR A 94 7.35 2.50 4.11
C THR A 94 7.91 3.84 4.56
N TYR A 95 9.10 3.85 5.14
CA TYR A 95 9.70 5.12 5.52
C TYR A 95 9.93 5.93 4.24
N GLU A 96 10.39 5.26 3.18
CA GLU A 96 10.66 5.96 1.93
C GLU A 96 9.38 6.50 1.34
N GLU A 97 8.30 5.74 1.45
CA GLU A 97 7.01 6.18 0.90
C GLU A 97 6.54 7.42 1.67
N GLY A 98 6.73 7.40 2.99
CA GLY A 98 6.31 8.54 3.80
C GLY A 98 7.07 9.80 3.44
N LEU A 99 8.34 9.62 3.11
CA LEU A 99 9.19 10.74 2.76
C LEU A 99 8.80 11.38 1.44
N LYS A 100 8.02 10.65 0.62
CA LYS A 100 7.54 11.19 -0.67
C LYS A 100 6.40 12.16 -0.34
N HIS A 101 5.92 12.13 0.89
CA HIS A 101 4.84 13.03 1.32
C HIS A 101 5.29 14.09 2.31
N GLU A 102 6.18 13.71 3.23
CA GLU A 102 6.70 14.65 4.25
C GLU A 102 8.22 14.45 4.28
N ALA A 103 8.89 15.01 3.29
CA ALA A 103 10.34 14.86 3.12
C ALA A 103 11.26 15.23 4.28
N ASN A 104 10.86 16.18 5.10
CA ASN A 104 11.72 16.59 6.19
C ASN A 104 11.31 16.01 7.54
N ASN A 105 10.43 15.02 7.53
CA ASN A 105 10.00 14.42 8.78
C ASN A 105 11.16 13.68 9.47
N PRO A 106 11.60 14.18 10.64
CA PRO A 106 12.70 13.58 11.38
C PRO A 106 12.52 12.11 11.79
N GLN A 107 11.31 11.71 12.18
CA GLN A 107 11.09 10.32 12.56
C GLN A 107 11.22 9.37 11.38
N LEU A 108 10.74 9.78 10.21
CA LEU A 108 10.84 8.94 9.02
C LEU A 108 12.29 8.87 8.58
N LYS A 109 13.00 10.00 8.66
CA LYS A 109 14.42 10.04 8.28
C LYS A 109 15.21 9.09 9.20
N GLU A 110 14.90 9.12 10.49
CA GLU A 110 15.58 8.26 11.44
C GLU A 110 15.26 6.80 11.13
N GLY A 111 13.99 6.50 10.86
CA GLY A 111 13.60 5.15 10.54
C GLY A 111 14.32 4.62 9.31
N LEU A 112 14.39 5.46 8.28
CA LEU A 112 15.07 5.07 7.05
C LEU A 112 16.54 4.80 7.35
N GLN A 113 17.15 5.68 8.14
CA GLN A 113 18.56 5.54 8.50
C GLN A 113 18.78 4.22 9.23
N ASN A 114 17.87 3.88 10.13
CA ASN A 114 17.99 2.62 10.88
C ASN A 114 17.90 1.43 9.95
N MET A 115 16.94 1.45 9.03
CA MET A 115 16.78 0.33 8.12
C MET A 115 17.94 0.20 7.15
N GLU A 116 18.55 1.33 6.80
CA GLU A 116 19.69 1.32 5.89
C GLU A 116 20.96 0.87 6.60
N ALA A 117 20.93 0.86 7.93
CA ALA A 117 22.10 0.46 8.71
C ALA A 117 22.05 -0.99 9.20
N ARG A 118 20.91 -1.66 9.03
CA ARG A 118 20.81 -3.04 9.50
C ARG A 118 21.74 -3.98 8.74
N MET B 1 -19.22 -13.00 -18.96
CA MET B 1 -19.43 -12.23 -20.22
C MET B 1 -19.70 -10.77 -19.89
N GLU B 2 -20.98 -10.42 -19.81
CA GLU B 2 -21.37 -9.06 -19.48
C GLU B 2 -20.97 -8.83 -18.02
N GLN B 3 -21.04 -9.90 -17.23
CA GLN B 3 -20.69 -9.83 -15.82
C GLN B 3 -19.22 -9.46 -15.63
N VAL B 4 -18.36 -10.02 -16.46
CA VAL B 4 -16.93 -9.70 -16.34
C VAL B 4 -16.69 -8.26 -16.76
N ASN B 5 -17.23 -7.87 -17.92
CA ASN B 5 -17.05 -6.50 -18.41
C ASN B 5 -17.66 -5.49 -17.44
N GLU B 6 -18.81 -5.83 -16.87
CA GLU B 6 -19.46 -4.91 -15.92
C GLU B 6 -18.54 -4.68 -14.73
N LEU B 7 -17.98 -5.76 -14.19
CA LEU B 7 -17.09 -5.63 -13.04
C LEU B 7 -15.79 -4.90 -13.40
N LYS B 8 -15.27 -5.15 -14.58
CA LYS B 8 -14.05 -4.45 -14.98
C LYS B 8 -14.34 -2.95 -15.04
N GLU B 9 -15.47 -2.59 -15.66
CA GLU B 9 -15.84 -1.19 -15.78
C GLU B 9 -16.06 -0.57 -14.41
N LYS B 10 -16.71 -1.31 -13.51
CA LYS B 10 -16.94 -0.79 -12.16
C LYS B 10 -15.60 -0.56 -11.46
N GLY B 11 -14.68 -1.49 -11.65
CA GLY B 11 -13.36 -1.35 -11.04
C GLY B 11 -12.65 -0.14 -11.61
N ASN B 12 -12.74 0.04 -12.93
CA ASN B 12 -12.10 1.16 -13.58
C ASN B 12 -12.69 2.47 -13.03
N LYS B 13 -14.00 2.49 -12.86
CA LYS B 13 -14.67 3.69 -12.35
C LYS B 13 -14.20 4.00 -10.93
N ALA B 14 -14.15 2.98 -10.08
CA ALA B 14 -13.70 3.16 -8.69
C ALA B 14 -12.28 3.69 -8.69
N LEU B 15 -11.44 3.12 -9.54
CA LEU B 15 -10.07 3.59 -9.59
C LEU B 15 -10.02 5.05 -10.06
N SER B 16 -10.91 5.41 -10.98
CA SER B 16 -10.96 6.76 -11.53
C SER B 16 -11.27 7.81 -10.48
N VAL B 17 -11.95 7.40 -9.41
CA VAL B 17 -12.27 8.35 -8.33
C VAL B 17 -11.39 8.09 -7.11
N GLY B 18 -10.31 7.35 -7.30
CA GLY B 18 -9.40 7.10 -6.20
C GLY B 18 -9.82 6.12 -5.14
N ASN B 19 -10.89 5.37 -5.38
CA ASN B 19 -11.34 4.38 -4.42
C ASN B 19 -10.68 3.06 -4.80
N ILE B 20 -9.43 2.95 -4.38
CA ILE B 20 -8.60 1.80 -4.72
C ILE B 20 -9.07 0.48 -4.15
N ASP B 21 -9.50 0.46 -2.88
CA ASP B 21 -9.96 -0.80 -2.32
C ASP B 21 -11.17 -1.33 -3.10
N ASP B 22 -12.07 -0.42 -3.46
CA ASP B 22 -13.27 -0.80 -4.22
C ASP B 22 -12.83 -1.35 -5.57
N ALA B 23 -11.85 -0.70 -6.18
CA ALA B 23 -11.37 -1.16 -7.48
C ALA B 23 -10.81 -2.57 -7.36
N LEU B 24 -9.98 -2.81 -6.34
CA LEU B 24 -9.38 -4.12 -6.13
C LEU B 24 -10.46 -5.19 -5.96
N GLN B 25 -11.51 -4.85 -5.23
CA GLN B 25 -12.59 -5.81 -5.02
C GLN B 25 -13.26 -6.16 -6.35
N CYS B 26 -13.56 -5.15 -7.14
CA CYS B 26 -14.20 -5.37 -8.44
C CYS B 26 -13.33 -6.22 -9.34
N TYR B 27 -12.05 -5.87 -9.44
CA TYR B 27 -11.19 -6.66 -10.31
C TYR B 27 -11.03 -8.10 -9.83
N SER B 28 -10.93 -8.28 -8.52
CA SER B 28 -10.79 -9.62 -7.95
C SER B 28 -12.04 -10.45 -8.23
N GLU B 29 -13.21 -9.85 -8.11
CA GLU B 29 -14.44 -10.59 -8.41
C GLU B 29 -14.48 -10.96 -9.91
N ALA B 30 -13.99 -10.07 -10.75
CA ALA B 30 -13.96 -10.34 -12.19
C ALA B 30 -12.97 -11.46 -12.49
N ILE B 31 -11.83 -11.46 -11.82
CA ILE B 31 -10.81 -12.48 -12.03
C ILE B 31 -11.33 -13.85 -11.60
N LYS B 32 -12.17 -13.88 -10.58
CA LYS B 32 -12.70 -15.16 -10.15
C LYS B 32 -13.60 -15.71 -11.25
N LEU B 33 -14.34 -14.83 -11.92
CA LEU B 33 -15.22 -15.27 -13.01
C LEU B 33 -14.45 -15.62 -14.29
N ASP B 34 -13.34 -14.92 -14.54
CA ASP B 34 -12.56 -15.13 -15.76
C ASP B 34 -11.09 -15.07 -15.40
N PRO B 35 -10.56 -16.15 -14.81
CA PRO B 35 -9.16 -16.20 -14.41
C PRO B 35 -8.11 -16.16 -15.52
N HIS B 36 -8.53 -16.15 -16.78
CA HIS B 36 -7.57 -16.08 -17.88
C HIS B 36 -7.59 -14.75 -18.61
N ASN B 37 -8.25 -13.76 -18.02
CA ASN B 37 -8.34 -12.45 -18.65
C ASN B 37 -7.18 -11.58 -18.19
N HIS B 38 -6.18 -11.46 -19.06
CA HIS B 38 -4.98 -10.69 -18.76
C HIS B 38 -5.28 -9.22 -18.46
N VAL B 39 -6.34 -8.68 -19.04
CA VAL B 39 -6.65 -7.27 -18.79
C VAL B 39 -7.01 -7.07 -17.33
N LEU B 40 -7.69 -8.04 -16.73
CA LEU B 40 -8.08 -7.89 -15.33
C LEU B 40 -6.87 -7.92 -14.42
N TYR B 41 -5.90 -8.79 -14.71
CA TYR B 41 -4.71 -8.83 -13.89
C TYR B 41 -3.87 -7.58 -14.07
N SER B 42 -3.85 -7.04 -15.29
CA SER B 42 -3.08 -5.84 -15.57
C SER B 42 -3.71 -4.69 -14.78
N ASN B 43 -5.03 -4.58 -14.86
CA ASN B 43 -5.72 -3.51 -14.14
C ASN B 43 -5.53 -3.66 -12.65
N ARG B 44 -5.65 -4.90 -12.16
CA ARG B 44 -5.48 -5.09 -10.72
C ARG B 44 -4.06 -4.78 -10.28
N SER B 45 -3.06 -5.06 -11.14
CA SER B 45 -1.68 -4.75 -10.84
C SER B 45 -1.57 -3.24 -10.64
N ALA B 46 -2.19 -2.48 -11.54
CA ALA B 46 -2.19 -1.02 -11.42
C ALA B 46 -2.82 -0.60 -10.09
N ALA B 47 -3.95 -1.20 -9.72
CA ALA B 47 -4.62 -0.85 -8.47
C ALA B 47 -3.75 -1.17 -7.27
N TYR B 48 -3.10 -2.32 -7.27
CA TYR B 48 -2.23 -2.69 -6.15
C TYR B 48 -1.06 -1.73 -6.04
N ALA B 49 -0.56 -1.28 -7.20
CA ALA B 49 0.56 -0.36 -7.21
C ALA B 49 0.09 0.95 -6.58
N LYS B 50 -1.12 1.37 -6.93
CA LYS B 50 -1.65 2.62 -6.38
C LYS B 50 -1.93 2.49 -4.88
N LYS B 51 -2.20 1.26 -4.45
CA LYS B 51 -2.48 0.91 -3.05
C LYS B 51 -1.19 0.84 -2.26
N GLY B 52 -0.10 0.61 -2.97
CA GLY B 52 1.19 0.48 -2.33
C GLY B 52 1.53 -0.96 -1.99
N ASP B 53 0.75 -1.92 -2.49
CA ASP B 53 1.02 -3.33 -2.25
C ASP B 53 1.80 -3.77 -3.48
N TYR B 54 3.09 -3.44 -3.47
CA TYR B 54 3.94 -3.74 -4.61
C TYR B 54 4.14 -5.22 -4.87
N GLN B 55 4.12 -6.03 -3.81
CA GLN B 55 4.27 -7.46 -3.99
C GLN B 55 3.12 -8.02 -4.84
N LYS B 56 1.89 -7.63 -4.49
CA LYS B 56 0.74 -8.10 -5.25
C LYS B 56 0.71 -7.47 -6.62
N ALA B 57 1.18 -6.23 -6.74
CA ALA B 57 1.24 -5.57 -8.07
C ALA B 57 2.18 -6.41 -8.95
N TYR B 58 3.30 -6.84 -8.38
CA TYR B 58 4.27 -7.66 -9.10
C TYR B 58 3.67 -9.00 -9.50
N GLU B 59 3.01 -9.67 -8.55
CA GLU B 59 2.41 -10.95 -8.86
C GLU B 59 1.38 -10.87 -9.99
N ASP B 60 0.56 -9.81 -9.99
CA ASP B 60 -0.43 -9.64 -11.06
C ASP B 60 0.25 -9.28 -12.38
N GLY B 61 1.35 -8.53 -12.30
CA GLY B 61 2.08 -8.20 -13.51
C GLY B 61 2.65 -9.49 -14.08
N CYS B 62 3.14 -10.35 -13.20
CA CYS B 62 3.69 -11.63 -13.66
C CYS B 62 2.63 -12.47 -14.33
N LYS B 63 1.44 -12.49 -13.75
CA LYS B 63 0.35 -13.27 -14.31
C LYS B 63 -0.03 -12.72 -15.68
N THR B 64 0.00 -11.40 -15.82
CA THR B 64 -0.33 -10.79 -17.11
C THR B 64 0.63 -11.25 -18.20
N VAL B 65 1.93 -11.22 -17.87
CA VAL B 65 2.95 -11.66 -18.81
C VAL B 65 2.80 -13.15 -19.12
N ASP B 66 2.46 -13.94 -18.11
CA ASP B 66 2.31 -15.37 -18.35
C ASP B 66 1.15 -15.65 -19.28
N LEU B 67 0.07 -14.90 -19.13
CA LEU B 67 -1.09 -15.10 -19.98
C LEU B 67 -0.90 -14.59 -21.39
N LYS B 68 -0.25 -13.43 -21.52
CA LYS B 68 -0.03 -12.79 -22.81
C LYS B 68 1.42 -12.36 -22.94
N PRO B 69 2.30 -13.32 -23.21
CA PRO B 69 3.71 -12.98 -23.34
C PRO B 69 4.09 -11.99 -24.42
N ASP B 70 3.21 -11.76 -25.38
CA ASP B 70 3.54 -10.78 -26.42
C ASP B 70 3.02 -9.38 -26.09
N TRP B 71 2.19 -9.25 -25.06
CA TRP B 71 1.59 -7.96 -24.73
C TRP B 71 2.51 -7.07 -23.90
N GLY B 72 2.92 -5.95 -24.50
CA GLY B 72 3.84 -5.08 -23.81
C GLY B 72 3.40 -4.55 -22.48
N LYS B 73 2.12 -4.25 -22.32
CA LYS B 73 1.66 -3.68 -21.08
C LYS B 73 1.88 -4.55 -19.84
N GLY B 74 1.82 -5.86 -20.00
CA GLY B 74 2.05 -6.74 -18.86
C GLY B 74 3.47 -6.55 -18.34
N TYR B 75 4.41 -6.33 -19.26
CA TYR B 75 5.79 -6.12 -18.85
C TYR B 75 5.91 -4.78 -18.14
N SER B 76 5.12 -3.79 -18.59
CA SER B 76 5.17 -2.49 -17.91
C SER B 76 4.66 -2.66 -16.47
N ARG B 77 3.62 -3.46 -16.28
CA ARG B 77 3.08 -3.70 -14.93
C ARG B 77 4.11 -4.38 -14.05
N LYS B 78 4.70 -5.43 -14.60
CA LYS B 78 5.67 -6.21 -13.85
C LYS B 78 6.90 -5.38 -13.48
N ALA B 79 7.42 -4.66 -14.48
CA ALA B 79 8.61 -3.85 -14.28
C ALA B 79 8.35 -2.68 -13.34
N ALA B 80 7.18 -2.08 -13.45
CA ALA B 80 6.89 -0.94 -12.56
C ALA B 80 6.86 -1.44 -11.12
N ALA B 81 6.28 -2.61 -10.91
CA ALA B 81 6.19 -3.16 -9.56
C ALA B 81 7.59 -3.43 -9.06
N LEU B 82 8.44 -3.98 -9.93
CA LEU B 82 9.81 -4.25 -9.55
C LEU B 82 10.54 -2.97 -9.17
N GLU B 83 10.30 -1.89 -9.90
CA GLU B 83 10.94 -0.64 -9.56
C GLU B 83 10.49 -0.19 -8.16
N PHE B 84 9.19 -0.33 -7.86
CA PHE B 84 8.68 0.07 -6.55
C PHE B 84 9.30 -0.80 -5.46
N LEU B 85 9.65 -2.04 -5.81
CA LEU B 85 10.27 -2.98 -4.86
C LEU B 85 11.79 -2.79 -4.80
N ASN B 86 12.29 -1.79 -5.51
CA ASN B 86 13.72 -1.49 -5.58
C ASN B 86 14.52 -2.64 -6.18
N ARG B 87 13.88 -3.38 -7.08
CA ARG B 87 14.54 -4.49 -7.77
C ARG B 87 14.80 -3.97 -9.18
N PHE B 88 15.69 -3.00 -9.27
CA PHE B 88 15.97 -2.32 -10.51
C PHE B 88 16.55 -3.15 -11.64
N GLU B 89 17.50 -4.04 -11.36
CA GLU B 89 18.04 -4.83 -12.47
C GLU B 89 16.97 -5.75 -13.02
N GLU B 90 16.13 -6.29 -12.15
CA GLU B 90 15.06 -7.15 -12.63
C GLU B 90 14.06 -6.32 -13.45
N ALA B 91 13.83 -5.08 -13.03
CA ALA B 91 12.93 -4.21 -13.78
C ALA B 91 13.49 -4.00 -15.16
N LYS B 92 14.80 -3.74 -15.23
CA LYS B 92 15.48 -3.56 -16.50
C LYS B 92 15.30 -4.81 -17.39
N ARG B 93 15.57 -5.97 -16.83
CA ARG B 93 15.44 -7.22 -17.60
C ARG B 93 14.01 -7.40 -18.11
N THR B 94 13.04 -6.98 -17.31
CA THR B 94 11.64 -7.14 -17.67
C THR B 94 11.26 -6.25 -18.84
N TYR B 95 11.69 -4.99 -18.82
CA TYR B 95 11.41 -4.12 -19.96
C TYR B 95 12.08 -4.72 -21.20
N GLU B 96 13.29 -5.24 -21.00
CA GLU B 96 14.02 -5.81 -22.13
C GLU B 96 13.33 -7.04 -22.68
N GLU B 97 12.73 -7.84 -21.81
CA GLU B 97 12.03 -9.04 -22.28
C GLU B 97 10.80 -8.62 -23.07
N GLY B 98 10.08 -7.62 -22.59
CA GLY B 98 8.91 -7.16 -23.32
C GLY B 98 9.30 -6.68 -24.71
N LEU B 99 10.47 -6.05 -24.81
CA LEU B 99 10.93 -5.52 -26.09
C LEU B 99 11.37 -6.65 -27.03
N LYS B 100 11.66 -7.81 -26.48
CA LYS B 100 12.00 -8.94 -27.35
C LYS B 100 10.73 -9.38 -28.07
N HIS B 101 9.56 -9.18 -27.43
CA HIS B 101 8.28 -9.56 -28.03
C HIS B 101 7.65 -8.47 -28.88
N GLU B 102 7.90 -7.21 -28.56
CA GLU B 102 7.33 -6.11 -29.35
C GLU B 102 8.38 -5.00 -29.31
N ALA B 103 9.31 -5.07 -30.24
CA ALA B 103 10.44 -4.16 -30.29
C ALA B 103 10.14 -2.67 -30.39
N ASN B 104 9.01 -2.32 -30.98
CA ASN B 104 8.66 -0.91 -31.15
C ASN B 104 7.64 -0.42 -30.14
N ASN B 105 7.54 -1.09 -29.00
CA ASN B 105 6.61 -0.66 -27.99
C ASN B 105 7.13 0.63 -27.35
N PRO B 106 6.44 1.76 -27.60
CA PRO B 106 6.90 3.04 -27.02
C PRO B 106 6.91 3.09 -25.50
N GLN B 107 5.93 2.46 -24.85
CA GLN B 107 5.89 2.50 -23.39
C GLN B 107 7.03 1.71 -22.74
N LEU B 108 7.41 0.59 -23.36
CA LEU B 108 8.51 -0.19 -22.80
C LEU B 108 9.82 0.54 -22.99
N LYS B 109 10.00 1.16 -24.15
CA LYS B 109 11.23 1.89 -24.42
C LYS B 109 11.37 3.05 -23.45
N GLU B 110 10.27 3.74 -23.18
CA GLU B 110 10.27 4.88 -22.26
C GLU B 110 10.49 4.43 -20.82
N GLY B 111 9.82 3.36 -20.44
CA GLY B 111 9.96 2.84 -19.09
C GLY B 111 11.42 2.49 -18.80
N LEU B 112 12.04 1.80 -19.75
CA LEU B 112 13.42 1.38 -19.64
C LEU B 112 14.36 2.59 -19.65
N GLN B 113 13.98 3.60 -20.42
CA GLN B 113 14.77 4.82 -20.53
C GLN B 113 14.64 5.69 -19.28
N ASN B 114 13.40 5.91 -18.84
CA ASN B 114 13.14 6.74 -17.67
C ASN B 114 13.72 6.19 -16.39
N MET B 115 14.14 4.94 -16.42
CA MET B 115 14.73 4.34 -15.23
C MET B 115 16.24 4.53 -15.27
N GLY C 1 14.97 -1.97 19.32
CA GLY C 1 13.59 -2.24 18.84
C GLY C 1 12.93 -0.98 18.31
N PRO C 2 11.84 -1.10 17.54
CA PRO C 2 11.18 0.09 17.01
C PRO C 2 10.56 0.95 18.10
N THR C 3 10.49 2.24 17.83
CA THR C 3 9.95 3.22 18.74
C THR C 3 8.44 3.33 18.51
N ILE C 4 7.67 3.35 19.59
CA ILE C 4 6.24 3.52 19.45
C ILE C 4 6.00 4.98 19.83
N GLU C 5 5.66 5.80 18.85
CA GLU C 5 5.45 7.21 19.15
C GLU C 5 4.24 7.48 20.00
N GLU C 6 4.26 8.62 20.71
CA GLU C 6 3.18 9.03 21.59
C GLU C 6 1.89 9.21 20.83
N VAL C 7 0.78 9.03 21.55
CA VAL C 7 -0.51 9.20 20.92
C VAL C 7 -0.82 10.68 20.78
N ASP C 8 -1.78 10.98 19.92
CA ASP C 8 -2.23 12.35 19.66
C ASP C 8 -3.63 12.61 20.17
N GLY D 1 9.80 7.51 -8.58
CA GLY D 1 9.08 6.21 -8.80
C GLY D 1 8.52 6.10 -10.20
N PRO D 2 8.31 4.87 -10.70
CA PRO D 2 7.77 4.70 -12.05
C PRO D 2 6.33 5.16 -12.15
N THR D 3 5.88 5.45 -13.36
CA THR D 3 4.50 5.87 -13.53
C THR D 3 3.64 4.61 -13.67
N ILE D 4 2.39 4.72 -13.27
CA ILE D 4 1.47 3.61 -13.34
C ILE D 4 0.60 3.86 -14.58
N GLU D 5 0.74 3.02 -15.60
CA GLU D 5 -0.05 3.23 -16.81
C GLU D 5 -1.53 3.10 -16.60
N GLU D 6 -2.29 3.84 -17.40
CA GLU D 6 -3.74 3.82 -17.34
C GLU D 6 -4.29 2.40 -17.48
N VAL D 7 -5.45 2.16 -16.87
CA VAL D 7 -6.10 0.85 -16.95
C VAL D 7 -6.85 0.70 -18.29
N ASP D 8 -7.18 -0.54 -18.62
CA ASP D 8 -7.86 -0.85 -19.87
C ASP D 8 -9.28 -1.36 -19.65
#